data_8XSK
#
_entry.id   8XSK
#
_cell.length_a   78.736
_cell.length_b   78.736
_cell.length_c   147.166
_cell.angle_alpha   90.00
_cell.angle_beta   90.00
_cell.angle_gamma   120.00
#
_symmetry.space_group_name_H-M   'H 3'
#
loop_
_entity.id
_entity.type
_entity.pdbx_description
1 polymer 'Phosphopantetheine adenylyltransferase'
2 water water
#
_entity_poly.entity_id   1
_entity_poly.type   'polypeptide(L)'
_entity_poly.pdbx_seq_one_letter_code
;MQKIGIYPGTFDPVTNGHIDIIHRSSELFEKLIVAVAHSSAKNPMFSLDERLKMIQLATKSFKNVECVAFEGLLANLAKE
YHCKVLVRGLRVVSDFEYELQMGYANKSLNHELETLYFMPTLQNAFISSSIVRSIIAHKGDASHLVPKEIYPLISKA
;
_entity_poly.pdbx_strand_id   A,B
#
# COMPACT_ATOMS: atom_id res chain seq x y z
N MET A 1 -1.71 12.63 9.21
CA MET A 1 -1.64 11.63 8.09
C MET A 1 -3.05 11.07 7.80
N GLN A 2 -3.83 10.80 8.86
CA GLN A 2 -5.23 10.27 8.82
C GLN A 2 -6.25 11.37 8.47
N LYS A 3 -5.92 12.66 8.46
CA LYS A 3 -6.93 13.72 8.17
C LYS A 3 -7.39 13.63 6.70
N ILE A 4 -6.44 13.59 5.76
CA ILE A 4 -6.79 13.56 4.30
C ILE A 4 -5.85 12.63 3.55
N GLY A 5 -6.46 11.83 2.63
CA GLY A 5 -5.77 11.05 1.59
C GLY A 5 -6.36 11.31 0.22
N ILE A 6 -5.52 11.29 -0.80
CA ILE A 6 -5.85 11.64 -2.20
C ILE A 6 -5.65 10.35 -3.02
N TYR A 7 -6.71 9.93 -3.70
CA TYR A 7 -6.67 8.83 -4.68
C TYR A 7 -6.73 9.47 -6.07
N PRO A 8 -5.55 9.68 -6.69
CA PRO A 8 -5.42 10.26 -8.02
C PRO A 8 -5.60 9.18 -9.11
N GLY A 9 -5.97 9.60 -10.30
CA GLY A 9 -5.93 8.74 -11.49
C GLY A 9 -6.56 9.44 -12.66
N THR A 10 -6.56 8.78 -13.82
CA THR A 10 -7.27 9.23 -15.04
C THR A 10 -8.70 8.69 -15.06
N PHE A 11 -8.99 7.51 -14.50
CA PHE A 11 -10.36 6.96 -14.29
C PHE A 11 -11.15 7.04 -15.62
N ASP A 12 -10.62 6.43 -16.68
CA ASP A 12 -11.07 6.54 -18.09
C ASP A 12 -11.46 5.13 -18.53
N PRO A 13 -12.56 4.50 -18.03
CA PRO A 13 -13.43 5.09 -17.01
C PRO A 13 -13.13 4.45 -15.65
N VAL A 14 -13.71 4.99 -14.60
CA VAL A 14 -13.73 4.35 -13.27
C VAL A 14 -14.24 2.91 -13.42
N THR A 15 -13.58 1.97 -12.73
CA THR A 15 -13.94 0.54 -12.77
C THR A 15 -14.37 0.06 -11.38
N ASN A 16 -14.82 -1.18 -11.31
CA ASN A 16 -15.16 -1.84 -10.02
C ASN A 16 -13.91 -2.03 -9.19
N GLY A 17 -12.73 -2.22 -9.81
CA GLY A 17 -11.41 -2.20 -9.14
C GLY A 17 -11.15 -0.91 -8.36
N HIS A 18 -11.35 0.25 -9.00
CA HIS A 18 -11.29 1.62 -8.40
C HIS A 18 -12.23 1.76 -7.21
N ILE A 19 -13.51 1.38 -7.40
CA ILE A 19 -14.56 1.37 -6.33
C ILE A 19 -14.09 0.56 -5.11
N ASP A 20 -13.51 -0.65 -5.25
CA ASP A 20 -12.89 -1.39 -4.11
C ASP A 20 -11.86 -0.50 -3.39
N ILE A 21 -11.02 0.22 -4.12
CA ILE A 21 -9.89 0.98 -3.53
C ILE A 21 -10.46 2.20 -2.77
N ILE A 22 -11.47 2.84 -3.32
CA ILE A 22 -12.18 3.99 -2.69
C ILE A 22 -12.82 3.51 -1.36
N HIS A 23 -13.46 2.37 -1.42
CA HIS A 23 -14.25 1.83 -0.30
C HIS A 23 -13.27 1.53 0.84
N ARG A 24 -12.22 0.78 0.56
CA ARG A 24 -11.23 0.40 1.59
C ARG A 24 -10.43 1.61 2.05
N SER A 25 -9.89 2.42 1.16
CA SER A 25 -9.02 3.56 1.54
C SER A 25 -9.86 4.62 2.30
N SER A 26 -11.10 4.86 1.90
CA SER A 26 -12.03 5.83 2.54
C SER A 26 -12.22 5.47 4.03
N GLU A 27 -12.15 4.18 4.38
CA GLU A 27 -12.33 3.66 5.76
C GLU A 27 -11.17 4.14 6.66
N LEU A 28 -10.04 4.47 6.06
CA LEU A 28 -8.77 4.73 6.80
C LEU A 28 -8.52 6.24 6.97
N PHE A 29 -9.13 7.10 6.17
CA PHE A 29 -8.96 8.58 6.24
C PHE A 29 -10.27 9.21 6.67
N GLU A 30 -10.25 10.38 7.33
CA GLU A 30 -11.48 11.15 7.69
C GLU A 30 -12.13 11.70 6.40
N LYS A 31 -11.31 12.07 5.41
CA LYS A 31 -11.74 12.58 4.08
C LYS A 31 -10.91 11.91 2.99
N LEU A 32 -11.54 11.44 1.91
CA LEU A 32 -10.75 10.93 0.74
C LEU A 32 -11.18 11.76 -0.46
N ILE A 33 -10.23 12.43 -1.08
CA ILE A 33 -10.43 13.21 -2.32
C ILE A 33 -10.07 12.26 -3.43
N VAL A 34 -11.02 11.97 -4.31
CA VAL A 34 -10.77 11.34 -5.63
C VAL A 34 -10.36 12.45 -6.60
N ALA A 35 -9.10 12.45 -7.04
CA ALA A 35 -8.54 13.50 -7.90
C ALA A 35 -8.42 12.95 -9.32
N VAL A 36 -9.26 13.45 -10.22
CA VAL A 36 -9.27 12.98 -11.63
C VAL A 36 -8.42 13.94 -12.44
N ALA A 37 -7.36 13.42 -13.03
CA ALA A 37 -6.40 14.24 -13.82
C ALA A 37 -6.94 14.40 -15.23
N HIS A 38 -6.79 15.61 -15.76
CA HIS A 38 -7.05 15.85 -17.19
C HIS A 38 -6.39 14.73 -17.99
N SER A 39 -5.09 14.61 -17.79
CA SER A 39 -4.23 13.69 -18.49
C SER A 39 -4.40 13.94 -19.97
N SER A 40 -4.33 15.16 -20.46
CA SER A 40 -4.47 15.41 -21.92
C SER A 40 -3.56 14.53 -22.77
N ALA A 41 -2.31 14.38 -22.37
CA ALA A 41 -1.29 13.66 -23.14
C ALA A 41 -1.64 12.21 -23.44
N LYS A 42 -2.35 11.55 -22.56
CA LYS A 42 -2.80 10.17 -22.70
C LYS A 42 -3.95 10.00 -23.68
N ASN A 43 -4.55 11.05 -24.18
CA ASN A 43 -5.73 10.99 -25.07
C ASN A 43 -6.86 10.10 -24.51
N PRO A 44 -7.38 10.34 -23.29
CA PRO A 44 -8.41 9.50 -22.68
C PRO A 44 -9.68 9.37 -23.53
N MET A 45 -10.34 8.23 -23.39
CA MET A 45 -11.54 7.90 -24.21
C MET A 45 -12.62 8.90 -23.86
N PHE A 46 -12.82 9.14 -22.55
CA PHE A 46 -13.87 10.02 -21.97
C PHE A 46 -13.31 11.40 -21.60
N SER A 47 -14.08 12.47 -21.82
CA SER A 47 -13.69 13.87 -21.50
C SER A 47 -13.47 13.99 -19.98
N LEU A 48 -12.65 14.97 -19.55
CA LEU A 48 -12.42 15.20 -18.10
C LEU A 48 -13.77 15.38 -17.42
N ASP A 49 -14.71 16.13 -18.01
CA ASP A 49 -16.07 16.36 -17.46
C ASP A 49 -16.84 15.03 -17.31
N GLU A 50 -16.83 14.20 -18.34
CA GLU A 50 -17.47 12.87 -18.27
C GLU A 50 -16.88 12.05 -17.10
N ARG A 51 -15.56 11.87 -17.09
CA ARG A 51 -14.84 11.09 -16.04
C ARG A 51 -15.18 11.62 -14.63
N LEU A 52 -15.27 12.94 -14.43
CA LEU A 52 -15.61 13.47 -13.10
C LEU A 52 -17.05 13.06 -12.75
N LYS A 53 -17.97 13.27 -13.68
CA LYS A 53 -19.40 12.97 -13.43
C LYS A 53 -19.56 11.48 -13.10
N MET A 54 -18.92 10.58 -13.85
CA MET A 54 -18.99 9.12 -13.63
C MET A 54 -18.52 8.76 -12.22
N ILE A 55 -17.34 9.20 -11.83
CA ILE A 55 -16.84 8.87 -10.48
C ILE A 55 -17.69 9.57 -9.40
N GLN A 56 -18.10 10.82 -9.61
CA GLN A 56 -19.06 11.48 -8.67
C GLN A 56 -20.26 10.56 -8.43
N LEU A 57 -20.91 10.11 -9.51
CA LEU A 57 -22.11 9.24 -9.42
C LEU A 57 -21.79 7.89 -8.78
N ALA A 58 -20.62 7.32 -9.04
CA ALA A 58 -20.22 6.02 -8.46
C ALA A 58 -19.90 6.15 -6.98
N THR A 59 -19.49 7.31 -6.45
CA THR A 59 -19.03 7.42 -5.04
C THR A 59 -20.11 8.06 -4.15
N LYS A 60 -21.32 8.26 -4.67
CA LYS A 60 -22.36 9.09 -3.99
C LYS A 60 -22.77 8.43 -2.65
N SER A 61 -22.58 7.11 -2.51
CA SER A 61 -22.87 6.32 -1.29
C SER A 61 -21.78 6.51 -0.21
N PHE A 62 -20.56 6.94 -0.57
CA PHE A 62 -19.43 7.15 0.39
C PHE A 62 -19.42 8.60 0.84
N LYS A 63 -19.85 8.85 2.08
CA LYS A 63 -20.18 10.20 2.61
C LYS A 63 -18.91 11.01 2.92
N ASN A 64 -17.81 10.35 3.24
CA ASN A 64 -16.49 11.04 3.41
C ASN A 64 -15.69 11.05 2.08
N VAL A 65 -16.31 10.86 0.93
CA VAL A 65 -15.51 10.85 -0.34
C VAL A 65 -15.88 12.08 -1.13
N GLU A 66 -14.90 12.74 -1.71
CA GLU A 66 -15.20 13.89 -2.58
C GLU A 66 -14.35 13.85 -3.84
N CYS A 67 -14.91 14.33 -4.95
CA CYS A 67 -14.35 14.12 -6.31
C CYS A 67 -13.92 15.45 -6.91
N VAL A 68 -12.66 15.59 -7.31
CA VAL A 68 -12.17 16.86 -7.93
C VAL A 68 -11.56 16.53 -9.29
N ALA A 69 -11.62 17.45 -10.26
CA ALA A 69 -10.84 17.36 -11.52
C ALA A 69 -9.76 18.40 -11.41
N PHE A 70 -8.55 18.05 -11.86
CA PHE A 70 -7.35 18.91 -11.73
C PHE A 70 -6.51 18.80 -13.01
N GLU A 71 -5.84 19.92 -13.29
CA GLU A 71 -5.10 20.21 -14.53
C GLU A 71 -3.58 20.12 -14.27
N GLY A 72 -3.16 20.13 -13.00
CA GLY A 72 -1.77 20.42 -12.63
C GLY A 72 -0.96 19.20 -12.28
N LEU A 73 0.12 19.45 -11.55
CA LEU A 73 0.93 18.38 -10.92
C LEU A 73 0.17 17.87 -9.70
N LEU A 74 0.19 16.57 -9.51
CA LEU A 74 -0.49 15.97 -8.35
C LEU A 74 0.18 16.41 -7.04
N ALA A 75 1.51 16.51 -6.98
CA ALA A 75 2.27 16.80 -5.73
C ALA A 75 1.88 18.21 -5.25
N ASN A 76 1.60 19.14 -6.17
CA ASN A 76 1.14 20.51 -5.86
C ASN A 76 -0.31 20.49 -5.36
N LEU A 77 -1.15 19.57 -5.85
CA LEU A 77 -2.57 19.50 -5.42
C LEU A 77 -2.64 18.94 -3.98
N ALA A 78 -1.81 17.95 -3.61
CA ALA A 78 -1.74 17.46 -2.22
C ALA A 78 -1.27 18.57 -1.27
N LYS A 79 -0.34 19.44 -1.70
CA LYS A 79 0.18 20.54 -0.84
C LYS A 79 -0.96 21.54 -0.59
N GLU A 80 -1.85 21.72 -1.56
CA GLU A 80 -2.99 22.66 -1.43
C GLU A 80 -3.98 22.07 -0.41
N TYR A 81 -4.08 20.75 -0.32
CA TYR A 81 -4.99 20.06 0.65
C TYR A 81 -4.26 19.80 1.96
N HIS A 82 -2.96 20.10 2.04
CA HIS A 82 -2.13 19.67 3.20
C HIS A 82 -2.31 18.15 3.29
N CYS A 83 -2.23 17.48 2.14
CA CYS A 83 -2.37 16.01 2.08
C CYS A 83 -0.98 15.38 2.17
N LYS A 84 -0.74 14.47 3.14
CA LYS A 84 0.59 13.81 3.28
C LYS A 84 0.51 12.37 2.72
N VAL A 85 -0.65 11.91 2.24
CA VAL A 85 -0.80 10.48 1.83
C VAL A 85 -1.53 10.39 0.49
N LEU A 86 -0.87 9.79 -0.52
CA LEU A 86 -1.49 9.38 -1.81
C LEU A 86 -1.91 7.91 -1.72
N VAL A 87 -3.11 7.61 -2.20
CA VAL A 87 -3.65 6.22 -2.26
C VAL A 87 -3.53 5.73 -3.69
N ARG A 88 -2.93 4.58 -3.90
CA ARG A 88 -2.94 3.93 -5.22
C ARG A 88 -3.41 2.48 -5.03
N GLY A 89 -3.89 1.89 -6.11
CA GLY A 89 -4.25 0.46 -6.14
C GLY A 89 -3.19 -0.39 -6.80
N LEU A 90 -3.10 -1.64 -6.42
CA LEU A 90 -2.18 -2.61 -7.05
C LEU A 90 -2.96 -3.81 -7.57
N ARG A 91 -2.72 -4.13 -8.85
CA ARG A 91 -3.45 -5.09 -9.71
C ARG A 91 -2.45 -6.09 -10.26
N VAL A 92 -2.96 -7.21 -10.77
CA VAL A 92 -2.14 -8.26 -11.41
C VAL A 92 -1.33 -7.62 -12.55
N VAL A 93 -1.93 -6.71 -13.32
CA VAL A 93 -1.18 -6.19 -14.50
C VAL A 93 -0.52 -4.85 -14.21
N SER A 94 -0.47 -4.41 -12.96
CA SER A 94 0.26 -3.16 -12.57
C SER A 94 1.69 -3.24 -13.08
N ASP A 95 2.24 -2.10 -13.49
CA ASP A 95 3.71 -1.93 -13.70
C ASP A 95 4.32 -1.53 -12.37
N PHE A 96 4.72 -2.53 -11.59
CA PHE A 96 4.98 -2.36 -10.14
C PHE A 96 6.11 -1.37 -9.97
N GLU A 97 7.16 -1.50 -10.77
CA GLU A 97 8.38 -0.66 -10.69
C GLU A 97 7.97 0.78 -10.97
N TYR A 98 7.12 0.97 -11.96
CA TYR A 98 6.63 2.32 -12.33
C TYR A 98 5.82 2.95 -11.19
N GLU A 99 5.04 2.18 -10.44
CA GLU A 99 4.28 2.71 -9.28
C GLU A 99 5.27 3.23 -8.24
N LEU A 100 6.25 2.39 -7.87
CA LEU A 100 7.42 2.80 -7.05
C LEU A 100 7.99 4.14 -7.56
N GLN A 101 8.46 4.17 -8.80
CA GLN A 101 9.04 5.38 -9.41
C GLN A 101 8.14 6.59 -9.17
N MET A 102 6.83 6.46 -9.47
CA MET A 102 5.84 7.55 -9.36
C MET A 102 5.76 8.00 -7.88
N GLY A 103 5.66 7.04 -6.96
CA GLY A 103 5.80 7.26 -5.50
C GLY A 103 7.01 8.12 -5.18
N TYR A 104 8.18 7.75 -5.70
CA TYR A 104 9.44 8.47 -5.42
C TYR A 104 9.44 9.82 -6.14
N ALA A 105 8.90 9.94 -7.34
CA ALA A 105 8.83 11.24 -8.03
C ALA A 105 7.91 12.20 -7.26
N ASN A 106 6.75 11.72 -6.83
CA ASN A 106 5.78 12.51 -6.01
C ASN A 106 6.45 13.00 -4.71
N LYS A 107 7.20 12.15 -4.02
CA LYS A 107 8.01 12.56 -2.83
C LYS A 107 9.01 13.66 -3.22
N SER A 108 9.92 13.41 -4.16
CA SER A 108 10.95 14.42 -4.54
C SER A 108 10.30 15.79 -4.84
N LEU A 109 9.05 15.85 -5.27
CA LEU A 109 8.37 17.14 -5.65
C LEU A 109 7.66 17.73 -4.43
N ASN A 110 7.16 16.86 -3.54
CA ASN A 110 6.51 17.24 -2.27
C ASN A 110 7.02 16.32 -1.17
N HIS A 111 7.97 16.75 -0.35
CA HIS A 111 8.70 15.86 0.58
C HIS A 111 7.86 15.40 1.78
N GLU A 112 6.62 15.88 1.95
CA GLU A 112 5.69 15.33 2.99
C GLU A 112 4.81 14.21 2.40
N LEU A 113 4.98 13.86 1.13
CA LEU A 113 3.92 13.13 0.40
C LEU A 113 4.38 11.69 0.20
N GLU A 114 3.87 10.78 1.03
CA GLU A 114 4.02 9.29 0.90
C GLU A 114 2.91 8.72 0.03
N THR A 115 3.13 7.48 -0.44
CA THR A 115 2.18 6.66 -1.20
C THR A 115 1.91 5.33 -0.48
N LEU A 116 0.62 5.01 -0.41
CA LEU A 116 0.05 3.84 0.26
C LEU A 116 -0.69 3.04 -0.80
N TYR A 117 -0.49 1.73 -0.85
CA TYR A 117 -1.12 0.83 -1.85
C TYR A 117 -2.14 -0.15 -1.23
N PHE A 118 -3.31 -0.17 -1.87
CA PHE A 118 -4.44 -1.03 -1.49
C PHE A 118 -4.60 -2.05 -2.63
N MET A 119 -5.32 -3.12 -2.38
CA MET A 119 -5.67 -4.13 -3.43
C MET A 119 -7.16 -4.08 -3.64
N PRO A 120 -7.66 -4.25 -4.89
CA PRO A 120 -9.07 -4.58 -5.09
C PRO A 120 -9.37 -6.00 -4.58
N THR A 121 -10.63 -6.39 -4.70
CA THR A 121 -11.16 -7.72 -4.36
C THR A 121 -10.66 -8.71 -5.43
N LEU A 122 -10.54 -9.98 -5.03
CA LEU A 122 -9.96 -11.01 -5.90
C LEU A 122 -10.69 -11.00 -7.25
N GLN A 123 -12.02 -10.91 -7.21
CA GLN A 123 -12.93 -10.97 -8.39
C GLN A 123 -12.53 -9.89 -9.38
N ASN A 124 -11.90 -8.80 -8.87
CA ASN A 124 -11.55 -7.59 -9.65
C ASN A 124 -10.04 -7.41 -9.76
N ALA A 125 -9.20 -8.37 -9.31
CA ALA A 125 -7.74 -8.16 -9.35
C ALA A 125 -7.31 -8.15 -10.82
N PHE A 126 -8.13 -8.67 -11.73
CA PHE A 126 -7.79 -8.76 -13.18
C PHE A 126 -8.43 -7.62 -14.01
N ILE A 127 -9.15 -6.68 -13.41
CA ILE A 127 -9.72 -5.54 -14.19
C ILE A 127 -8.61 -4.51 -14.36
N SER A 128 -8.52 -3.90 -15.54
CA SER A 128 -7.79 -2.62 -15.79
C SER A 128 -8.69 -1.72 -16.62
N SER A 129 -8.60 -0.41 -16.44
CA SER A 129 -9.37 0.53 -17.31
C SER A 129 -9.05 0.23 -18.76
N SER A 130 -7.82 -0.23 -19.06
CA SER A 130 -7.32 -0.42 -20.44
C SER A 130 -8.07 -1.58 -21.09
N ILE A 131 -8.36 -2.66 -20.35
CA ILE A 131 -9.18 -3.79 -20.89
C ILE A 131 -10.66 -3.35 -20.99
N VAL A 132 -11.10 -2.40 -20.19
CA VAL A 132 -12.50 -1.89 -20.26
C VAL A 132 -12.62 -1.04 -21.53
N ARG A 133 -11.58 -0.28 -21.89
CA ARG A 133 -11.60 0.57 -23.11
C ARG A 133 -11.66 -0.32 -24.36
N SER A 134 -10.93 -1.41 -24.37
CA SER A 134 -10.94 -2.35 -25.52
C SER A 134 -12.40 -2.81 -25.73
N ILE A 135 -13.08 -3.16 -24.63
CA ILE A 135 -14.40 -3.84 -24.69
C ILE A 135 -15.39 -2.82 -25.24
N ILE A 136 -15.31 -1.57 -24.73
CA ILE A 136 -16.17 -0.42 -25.11
C ILE A 136 -15.91 -0.02 -26.56
N ALA A 137 -14.66 -0.05 -27.01
CA ALA A 137 -14.34 0.32 -28.40
C ALA A 137 -14.88 -0.77 -29.33
N HIS A 138 -15.01 -2.01 -28.85
CA HIS A 138 -15.39 -3.21 -29.62
C HIS A 138 -16.84 -3.59 -29.35
N LYS A 139 -17.53 -2.76 -28.58
CA LYS A 139 -18.99 -2.81 -28.34
C LYS A 139 -19.35 -4.11 -27.65
N GLY A 140 -18.50 -4.52 -26.73
CA GLY A 140 -18.76 -5.68 -25.87
C GLY A 140 -19.51 -5.23 -24.65
N ASP A 141 -19.93 -6.17 -23.83
CA ASP A 141 -20.64 -5.90 -22.57
C ASP A 141 -19.54 -5.64 -21.54
N ALA A 142 -19.39 -4.40 -21.07
CA ALA A 142 -18.45 -4.04 -20.00
C ALA A 142 -19.19 -3.96 -18.68
N SER A 143 -20.50 -4.25 -18.67
CA SER A 143 -21.43 -4.05 -17.53
C SER A 143 -20.90 -4.76 -16.28
N HIS A 144 -20.19 -5.86 -16.47
CA HIS A 144 -19.70 -6.71 -15.37
C HIS A 144 -18.45 -6.08 -14.71
N LEU A 145 -17.81 -5.08 -15.35
CA LEU A 145 -16.45 -4.55 -14.99
C LEU A 145 -16.53 -3.15 -14.36
N VAL A 146 -17.66 -2.45 -14.52
CA VAL A 146 -17.85 -1.06 -14.03
C VAL A 146 -19.12 -0.95 -13.20
N PRO A 147 -19.18 0.09 -12.35
CA PRO A 147 -20.37 0.40 -11.54
C PRO A 147 -21.55 0.74 -12.44
N LYS A 148 -22.72 0.15 -12.18
CA LYS A 148 -23.93 0.27 -13.06
C LYS A 148 -24.37 1.74 -13.20
N GLU A 149 -24.25 2.51 -12.13
CA GLU A 149 -24.65 3.93 -12.11
C GLU A 149 -23.83 4.73 -13.16
N ILE A 150 -22.71 4.22 -13.68
CA ILE A 150 -22.07 4.88 -14.87
C ILE A 150 -22.36 4.12 -16.18
N TYR A 151 -22.92 2.91 -16.14
CA TYR A 151 -22.97 2.06 -17.37
C TYR A 151 -23.85 2.70 -18.44
N PRO A 152 -24.82 3.59 -18.11
CA PRO A 152 -25.68 4.18 -19.11
C PRO A 152 -24.93 5.25 -19.93
N LEU A 153 -24.07 5.94 -19.18
CA LEU A 153 -23.14 7.04 -19.56
C LEU A 153 -21.89 6.64 -20.31
N ILE A 154 -21.50 5.39 -20.19
CA ILE A 154 -20.32 4.96 -20.94
C ILE A 154 -20.80 4.43 -22.27
N SER A 155 -21.82 3.58 -22.26
CA SER A 155 -22.18 2.78 -23.46
C SER A 155 -22.52 3.59 -24.68
N LYS A 156 -23.05 4.77 -24.51
CA LYS A 156 -23.28 5.57 -25.67
C LYS A 156 -22.08 6.39 -26.11
N ALA A 157 -21.36 7.01 -25.17
CA ALA A 157 -20.39 8.07 -25.53
C ALA A 157 -19.56 8.46 -24.31
N MET B 1 -11.25 -0.07 11.52
CA MET B 1 -10.13 -0.49 10.60
C MET B 1 -8.81 0.15 11.04
N GLN B 2 -8.85 1.47 11.25
CA GLN B 2 -7.71 2.33 11.69
C GLN B 2 -7.30 2.14 13.15
N LYS B 3 -7.94 1.25 13.93
CA LYS B 3 -7.59 0.98 15.35
C LYS B 3 -6.27 0.22 15.52
N ILE B 4 -6.07 -0.79 14.69
CA ILE B 4 -4.93 -1.72 14.87
C ILE B 4 -4.48 -2.26 13.50
N GLY B 5 -3.16 -2.26 13.29
CA GLY B 5 -2.49 -2.94 12.18
C GLY B 5 -1.54 -3.99 12.69
N ILE B 6 -1.32 -5.06 11.92
CA ILE B 6 -0.26 -6.05 12.27
C ILE B 6 0.77 -6.01 11.13
N TYR B 7 2.04 -5.86 11.51
CA TYR B 7 3.20 -5.87 10.59
C TYR B 7 4.01 -7.12 10.93
N PRO B 8 3.80 -8.19 10.14
CA PRO B 8 4.50 -9.45 10.28
C PRO B 8 5.81 -9.44 9.53
N GLY B 9 6.78 -10.22 10.01
CA GLY B 9 8.11 -10.30 9.39
C GLY B 9 8.99 -11.24 10.19
N THR B 10 10.03 -11.74 9.54
CA THR B 10 11.15 -12.50 10.12
C THR B 10 12.09 -11.49 10.78
N PHE B 11 12.29 -10.34 10.13
CA PHE B 11 13.16 -9.28 10.70
C PHE B 11 14.53 -9.89 11.07
N ASP B 12 15.19 -10.41 10.04
CA ASP B 12 16.42 -11.21 10.05
C ASP B 12 17.50 -10.50 9.22
N PRO B 13 18.02 -9.31 9.63
CA PRO B 13 17.58 -8.60 10.81
C PRO B 13 16.69 -7.41 10.43
N VAL B 14 16.31 -6.60 11.42
CA VAL B 14 15.57 -5.32 11.19
C VAL B 14 16.48 -4.37 10.40
N THR B 15 15.96 -3.81 9.30
CA THR B 15 16.68 -2.83 8.45
C THR B 15 16.02 -1.45 8.62
N ASN B 16 16.73 -0.45 8.09
CA ASN B 16 16.25 0.93 7.92
C ASN B 16 14.94 0.86 7.12
N GLY B 17 14.88 0.04 6.04
CA GLY B 17 13.62 -0.23 5.30
C GLY B 17 12.47 -0.55 6.26
N HIS B 18 12.63 -1.50 7.17
CA HIS B 18 11.57 -1.97 8.10
C HIS B 18 11.14 -0.86 9.07
N ILE B 19 12.11 -0.07 9.53
CA ILE B 19 11.91 1.06 10.49
C ILE B 19 11.03 2.12 9.83
N ASP B 20 11.29 2.40 8.56
CA ASP B 20 10.53 3.35 7.71
C ASP B 20 9.05 2.93 7.66
N ILE B 21 8.79 1.64 7.42
CA ILE B 21 7.44 1.00 7.32
C ILE B 21 6.78 1.08 8.69
N ILE B 22 7.56 0.93 9.76
CA ILE B 22 6.97 0.95 11.13
C ILE B 22 6.60 2.39 11.49
N HIS B 23 7.44 3.34 11.09
CA HIS B 23 7.21 4.81 11.26
C HIS B 23 5.89 5.18 10.56
N ARG B 24 5.79 4.90 9.26
CA ARG B 24 4.63 5.35 8.43
C ARG B 24 3.36 4.62 8.88
N SER B 25 3.45 3.30 9.07
CA SER B 25 2.29 2.50 9.49
C SER B 25 1.84 2.89 10.90
N SER B 26 2.77 3.12 11.84
CA SER B 26 2.42 3.47 13.25
C SER B 26 1.70 4.82 13.31
N GLU B 27 1.93 5.71 12.35
CA GLU B 27 1.32 7.06 12.28
C GLU B 27 -0.15 6.99 11.86
N LEU B 28 -0.53 5.93 11.14
CA LEU B 28 -1.87 5.79 10.52
C LEU B 28 -2.82 4.99 11.42
N PHE B 29 -2.31 4.02 12.18
CA PHE B 29 -3.12 3.14 13.08
C PHE B 29 -2.93 3.56 14.54
N GLU B 30 -4.01 3.44 15.32
CA GLU B 30 -3.99 3.81 16.76
C GLU B 30 -2.93 2.94 17.42
N LYS B 31 -2.76 1.71 16.93
CA LYS B 31 -1.77 0.74 17.46
C LYS B 31 -1.25 -0.16 16.33
N LEU B 32 0.04 -0.50 16.38
CA LEU B 32 0.74 -1.43 15.44
C LEU B 32 1.36 -2.58 16.22
N ILE B 33 0.91 -3.80 15.96
CA ILE B 33 1.62 -5.01 16.44
C ILE B 33 2.66 -5.39 15.38
N VAL B 34 3.91 -5.47 15.79
CA VAL B 34 5.01 -6.05 14.96
C VAL B 34 5.08 -7.51 15.35
N ALA B 35 4.78 -8.44 14.44
CA ALA B 35 4.69 -9.89 14.73
C ALA B 35 5.91 -10.60 14.16
N VAL B 36 6.81 -11.09 15.03
CA VAL B 36 8.15 -11.64 14.69
C VAL B 36 8.02 -13.15 14.56
N ALA B 37 8.12 -13.67 13.34
CA ALA B 37 7.81 -15.06 12.97
C ALA B 37 9.02 -15.96 13.22
N HIS B 38 8.78 -17.27 13.34
CA HIS B 38 9.80 -18.30 13.61
C HIS B 38 10.71 -18.51 12.40
N SER B 39 10.07 -18.43 11.23
CA SER B 39 10.63 -18.69 9.88
C SER B 39 11.58 -19.89 10.00
N SER B 40 11.08 -20.96 10.61
CA SER B 40 11.79 -22.26 10.79
C SER B 40 12.18 -22.79 9.41
N ALA B 41 11.22 -22.82 8.48
CA ALA B 41 11.40 -23.24 7.07
C ALA B 41 12.47 -22.36 6.42
N LYS B 42 12.46 -21.06 6.72
CA LYS B 42 13.64 -20.17 6.57
C LYS B 42 14.58 -20.55 7.74
N ASN B 43 15.89 -20.57 7.52
CA ASN B 43 16.85 -20.95 8.59
C ASN B 43 17.57 -19.67 9.02
N PRO B 44 16.93 -18.87 9.89
CA PRO B 44 17.28 -17.46 10.04
C PRO B 44 18.68 -17.27 10.63
N MET B 45 19.41 -16.29 10.10
CA MET B 45 20.75 -15.86 10.60
C MET B 45 20.64 -15.51 12.08
N PHE B 46 19.62 -14.75 12.50
CA PHE B 46 19.46 -14.34 13.92
C PHE B 46 18.37 -15.20 14.56
N SER B 47 18.52 -15.56 15.84
CA SER B 47 17.52 -16.34 16.62
C SER B 47 16.32 -15.45 16.93
N LEU B 48 15.17 -16.04 17.30
CA LEU B 48 14.01 -15.18 17.69
C LEU B 48 14.44 -14.23 18.81
N ASP B 49 15.27 -14.69 19.75
CA ASP B 49 15.60 -13.82 20.91
C ASP B 49 16.29 -12.57 20.39
N GLU B 50 17.33 -12.75 19.55
CA GLU B 50 18.07 -11.62 18.93
C GLU B 50 17.10 -10.77 18.10
N ARG B 51 16.25 -11.42 17.28
CA ARG B 51 15.38 -10.70 16.31
C ARG B 51 14.33 -9.86 17.06
N LEU B 52 13.71 -10.39 18.11
CA LEU B 52 12.74 -9.64 18.96
C LEU B 52 13.45 -8.50 19.69
N LYS B 53 14.68 -8.72 20.17
CA LYS B 53 15.40 -7.71 20.99
C LYS B 53 15.84 -6.55 20.10
N MET B 54 16.31 -6.82 18.89
CA MET B 54 16.70 -5.79 17.89
C MET B 54 15.46 -4.97 17.54
N ILE B 55 14.33 -5.61 17.24
CA ILE B 55 13.14 -4.87 16.78
C ILE B 55 12.51 -4.12 17.96
N GLN B 56 12.60 -4.62 19.20
CA GLN B 56 12.13 -3.88 20.39
C GLN B 56 13.00 -2.65 20.62
N LEU B 57 14.31 -2.88 20.63
CA LEU B 57 15.35 -1.83 20.67
C LEU B 57 15.06 -0.75 19.63
N ALA B 58 14.94 -1.14 18.35
CA ALA B 58 14.86 -0.21 17.21
C ALA B 58 13.53 0.57 17.23
N THR B 59 12.50 0.09 17.93
CA THR B 59 11.13 0.71 17.89
C THR B 59 10.76 1.42 19.20
N LYS B 60 11.68 1.50 20.18
CA LYS B 60 11.38 2.12 21.50
C LYS B 60 10.80 3.53 21.32
N SER B 61 11.17 4.24 20.25
CA SER B 61 10.75 5.65 19.99
C SER B 61 9.24 5.74 19.70
N PHE B 62 8.64 4.73 19.08
CA PHE B 62 7.21 4.72 18.70
C PHE B 62 6.41 4.17 19.86
N LYS B 63 5.57 5.03 20.45
CA LYS B 63 4.86 4.74 21.72
C LYS B 63 3.72 3.75 21.48
N ASN B 64 3.09 3.75 20.31
CA ASN B 64 1.94 2.85 19.99
C ASN B 64 2.39 1.53 19.32
N VAL B 65 3.67 1.15 19.37
CA VAL B 65 4.16 -0.09 18.68
C VAL B 65 4.47 -1.19 19.70
N GLU B 66 3.81 -2.35 19.61
CA GLU B 66 4.07 -3.53 20.48
C GLU B 66 4.70 -4.63 19.62
N CYS B 67 5.69 -5.31 20.18
CA CYS B 67 6.42 -6.40 19.51
C CYS B 67 6.08 -7.72 20.19
N VAL B 68 5.54 -8.69 19.45
CA VAL B 68 5.24 -10.07 19.97
C VAL B 68 5.93 -11.11 19.08
N ALA B 69 6.24 -12.26 19.64
CA ALA B 69 6.69 -13.47 18.93
C ALA B 69 5.43 -14.22 18.46
N PHE B 70 5.47 -14.75 17.24
CA PHE B 70 4.29 -15.49 16.71
C PHE B 70 4.75 -16.63 15.82
N GLU B 71 4.20 -17.83 16.06
CA GLU B 71 4.58 -19.10 15.38
C GLU B 71 3.35 -19.73 14.72
N GLY B 72 2.42 -18.93 14.22
CA GLY B 72 1.06 -19.39 13.90
C GLY B 72 0.55 -18.94 12.53
N LEU B 73 -0.77 -18.85 12.38
CA LEU B 73 -1.44 -18.50 11.11
C LEU B 73 -1.77 -17.02 11.22
N LEU B 74 -1.28 -16.22 10.28
CA LEU B 74 -1.37 -14.74 10.39
C LEU B 74 -2.84 -14.34 10.47
N ALA B 75 -3.66 -14.98 9.64
CA ALA B 75 -5.12 -14.75 9.56
C ALA B 75 -5.79 -14.90 10.94
N ASN B 76 -5.39 -15.94 11.68
CA ASN B 76 -5.87 -16.26 13.05
C ASN B 76 -5.42 -15.23 14.08
N LEU B 77 -4.15 -14.83 13.99
CA LEU B 77 -3.52 -13.80 14.87
C LEU B 77 -4.32 -12.49 14.76
N ALA B 78 -4.56 -12.02 13.54
CA ALA B 78 -5.43 -10.84 13.28
C ALA B 78 -6.82 -11.06 13.89
N LYS B 79 -7.37 -12.26 13.76
CA LYS B 79 -8.71 -12.55 14.32
C LYS B 79 -8.66 -12.29 15.83
N GLU B 80 -7.62 -12.74 16.51
CA GLU B 80 -7.60 -12.70 17.99
C GLU B 80 -7.30 -11.28 18.48
N TYR B 81 -6.71 -10.43 17.62
CA TYR B 81 -6.53 -8.99 17.92
C TYR B 81 -7.71 -8.16 17.41
N HIS B 82 -8.73 -8.79 16.84
CA HIS B 82 -9.80 -8.11 16.08
C HIS B 82 -9.21 -7.13 15.06
N CYS B 83 -8.11 -7.49 14.37
CA CYS B 83 -7.38 -6.64 13.40
C CYS B 83 -7.89 -6.81 11.96
N LYS B 84 -8.13 -5.71 11.21
CA LYS B 84 -8.73 -5.82 9.86
C LYS B 84 -7.70 -5.50 8.75
N VAL B 85 -6.42 -5.23 9.11
CA VAL B 85 -5.33 -4.78 8.20
C VAL B 85 -3.98 -5.45 8.52
N LEU B 86 -3.47 -6.25 7.59
CA LEU B 86 -2.02 -6.63 7.51
C LEU B 86 -1.23 -5.54 6.81
N VAL B 87 -0.19 -5.01 7.49
CA VAL B 87 0.79 -4.07 6.93
C VAL B 87 1.92 -4.87 6.24
N ARG B 88 2.20 -4.55 4.99
CA ARG B 88 3.31 -5.17 4.24
C ARG B 88 4.10 -4.05 3.59
N GLY B 89 5.36 -4.32 3.27
CA GLY B 89 6.32 -3.32 2.75
C GLY B 89 6.70 -3.71 1.35
N LEU B 90 6.80 -2.75 0.41
CA LEU B 90 7.14 -3.02 -1.02
C LEU B 90 8.47 -2.34 -1.33
N ARG B 91 9.33 -3.03 -2.07
CA ARG B 91 10.70 -2.57 -2.41
C ARG B 91 10.91 -2.95 -3.86
N VAL B 92 12.03 -2.51 -4.42
CA VAL B 92 12.35 -2.75 -5.86
C VAL B 92 12.46 -4.26 -6.09
N VAL B 93 12.92 -5.05 -5.09
CA VAL B 93 13.21 -6.51 -5.32
C VAL B 93 12.03 -7.40 -4.91
N SER B 94 10.89 -6.79 -4.59
CA SER B 94 9.65 -7.49 -4.17
C SER B 94 9.20 -8.44 -5.28
N ASP B 95 8.79 -9.65 -4.90
CA ASP B 95 7.93 -10.51 -5.76
C ASP B 95 6.47 -10.04 -5.61
N PHE B 96 6.15 -8.98 -6.34
CA PHE B 96 4.86 -8.24 -6.31
C PHE B 96 3.66 -9.19 -6.41
N GLU B 97 3.74 -10.13 -7.34
CA GLU B 97 2.66 -11.07 -7.71
C GLU B 97 2.49 -12.05 -6.53
N TYR B 98 3.59 -12.51 -5.96
CA TYR B 98 3.57 -13.25 -4.68
C TYR B 98 2.95 -12.41 -3.55
N GLU B 99 3.27 -11.14 -3.42
CA GLU B 99 2.61 -10.29 -2.38
C GLU B 99 1.09 -10.26 -2.54
N LEU B 100 0.60 -10.10 -3.78
CA LEU B 100 -0.87 -10.09 -4.03
C LEU B 100 -1.48 -11.44 -3.62
N GLN B 101 -0.85 -12.54 -4.04
CA GLN B 101 -1.31 -13.92 -3.77
C GLN B 101 -1.51 -14.05 -2.25
N MET B 102 -0.51 -13.64 -1.45
CA MET B 102 -0.54 -13.71 0.02
C MET B 102 -1.68 -12.85 0.55
N GLY B 103 -1.90 -11.67 -0.04
CA GLY B 103 -3.00 -10.79 0.34
C GLY B 103 -4.36 -11.47 0.16
N TYR B 104 -4.58 -12.03 -1.01
CA TYR B 104 -5.80 -12.81 -1.32
C TYR B 104 -5.90 -14.09 -0.48
N ALA B 105 -4.78 -14.78 -0.19
CA ALA B 105 -4.82 -16.01 0.63
C ALA B 105 -5.34 -15.67 2.04
N ASN B 106 -4.71 -14.71 2.71
CA ASN B 106 -5.05 -14.20 4.07
C ASN B 106 -6.53 -13.78 4.14
N LYS B 107 -7.10 -13.20 3.08
CA LYS B 107 -8.52 -12.71 3.09
C LYS B 107 -9.50 -13.89 2.91
N SER B 108 -9.16 -14.86 2.05
CA SER B 108 -9.88 -16.16 1.95
C SER B 108 -9.90 -16.86 3.33
N LEU B 109 -8.80 -16.83 4.10
CA LEU B 109 -8.75 -17.45 5.46
C LEU B 109 -9.50 -16.54 6.45
N ASN B 110 -9.49 -15.22 6.28
CA ASN B 110 -10.18 -14.32 7.25
C ASN B 110 -10.83 -13.18 6.48
N HIS B 111 -12.14 -13.27 6.27
CA HIS B 111 -12.90 -12.43 5.29
C HIS B 111 -12.94 -10.95 5.70
N GLU B 112 -12.49 -10.66 6.92
CA GLU B 112 -12.36 -9.27 7.41
C GLU B 112 -11.00 -8.66 7.11
N LEU B 113 -10.03 -9.42 6.59
CA LEU B 113 -8.58 -9.06 6.69
C LEU B 113 -8.05 -8.54 5.34
N GLU B 114 -7.77 -7.24 5.26
CA GLU B 114 -7.24 -6.53 4.06
C GLU B 114 -5.73 -6.35 4.24
N THR B 115 -4.98 -6.21 3.16
CA THR B 115 -3.52 -5.95 3.17
C THR B 115 -3.24 -4.58 2.56
N LEU B 116 -2.44 -3.79 3.26
CA LEU B 116 -2.01 -2.44 2.89
C LEU B 116 -0.49 -2.38 2.78
N TYR B 117 -0.01 -1.82 1.69
CA TYR B 117 1.44 -1.77 1.32
C TYR B 117 2.02 -0.37 1.44
N PHE B 118 3.13 -0.29 2.15
CA PHE B 118 3.93 0.93 2.32
C PHE B 118 5.26 0.78 1.56
N MET B 119 5.85 1.93 1.29
CA MET B 119 7.19 2.05 0.65
C MET B 119 8.13 2.52 1.73
N PRO B 120 9.40 2.04 1.74
CA PRO B 120 10.47 2.73 2.46
C PRO B 120 10.83 4.02 1.67
N THR B 121 11.68 4.86 2.27
CA THR B 121 12.18 6.09 1.62
C THR B 121 13.06 5.66 0.45
N LEU B 122 13.29 6.55 -0.51
CA LEU B 122 14.11 6.23 -1.71
C LEU B 122 15.48 5.71 -1.29
N GLN B 123 16.10 6.36 -0.31
CA GLN B 123 17.44 5.99 0.25
C GLN B 123 17.43 4.50 0.60
N ASN B 124 16.26 3.93 0.94
CA ASN B 124 16.14 2.53 1.46
C ASN B 124 15.41 1.59 0.50
N ALA B 125 15.05 2.02 -0.73
CA ALA B 125 14.20 1.19 -1.62
C ALA B 125 14.96 -0.06 -2.05
N PHE B 126 16.28 -0.02 -2.04
CA PHE B 126 17.16 -1.12 -2.52
C PHE B 126 17.70 -1.94 -1.33
N ILE B 127 17.20 -1.70 -0.12
CA ILE B 127 17.59 -2.53 1.07
C ILE B 127 16.60 -3.70 1.14
N SER B 128 17.14 -4.87 1.35
CA SER B 128 16.34 -6.06 1.70
C SER B 128 17.14 -6.74 2.81
N SER B 129 16.51 -7.46 3.72
CA SER B 129 17.25 -8.27 4.73
C SER B 129 18.25 -9.20 4.05
N SER B 130 17.93 -9.73 2.87
CA SER B 130 18.81 -10.69 2.16
C SER B 130 20.15 -10.03 1.84
N ILE B 131 20.13 -8.80 1.34
CA ILE B 131 21.37 -7.99 1.15
C ILE B 131 22.11 -7.91 2.48
N VAL B 132 21.42 -7.44 3.51
CA VAL B 132 21.99 -7.18 4.86
C VAL B 132 22.63 -8.48 5.34
N ARG B 133 21.91 -9.60 5.20
CA ARG B 133 22.47 -10.94 5.59
C ARG B 133 23.75 -11.27 4.79
N SER B 134 23.78 -11.09 3.47
CA SER B 134 25.02 -11.29 2.67
C SER B 134 26.18 -10.47 3.23
N ILE B 135 25.99 -9.17 3.36
CA ILE B 135 27.06 -8.24 3.81
C ILE B 135 27.58 -8.76 5.16
N ILE B 136 26.68 -9.05 6.12
CA ILE B 136 27.00 -9.64 7.46
C ILE B 136 27.77 -10.95 7.28
N ALA B 137 27.20 -11.90 6.53
CA ALA B 137 27.75 -13.28 6.33
C ALA B 137 29.13 -13.20 5.66
N HIS B 138 29.36 -12.14 4.89
CA HIS B 138 30.62 -11.92 4.13
C HIS B 138 31.53 -10.93 4.89
N LYS B 139 31.26 -10.63 6.16
CA LYS B 139 32.14 -9.80 7.02
C LYS B 139 32.35 -8.42 6.37
N GLY B 140 31.27 -7.88 5.83
CA GLY B 140 31.23 -6.50 5.30
C GLY B 140 30.64 -5.55 6.30
N ASP B 141 30.62 -4.25 5.99
CA ASP B 141 30.07 -3.18 6.86
C ASP B 141 28.60 -2.97 6.51
N ALA B 142 27.70 -3.31 7.41
CA ALA B 142 26.24 -3.20 7.17
C ALA B 142 25.69 -2.00 7.94
N SER B 143 26.55 -1.18 8.53
CA SER B 143 26.14 -0.12 9.50
C SER B 143 25.27 0.96 8.87
N HIS B 144 25.42 1.19 7.57
CA HIS B 144 24.59 2.16 6.80
C HIS B 144 23.13 1.66 6.65
N LEU B 145 22.88 0.36 6.81
CA LEU B 145 21.66 -0.31 6.30
C LEU B 145 20.69 -0.67 7.43
N VAL B 146 21.15 -0.65 8.68
CA VAL B 146 20.35 -1.07 9.89
C VAL B 146 20.41 0.05 10.92
N PRO B 147 19.41 0.19 11.81
CA PRO B 147 19.43 1.28 12.80
C PRO B 147 20.70 1.14 13.66
N LYS B 148 21.39 2.24 13.96
CA LYS B 148 22.70 2.15 14.68
C LYS B 148 22.55 1.49 16.07
N GLU B 149 21.41 1.64 16.73
CA GLU B 149 21.17 1.12 18.11
C GLU B 149 21.17 -0.41 18.11
N ILE B 150 20.94 -1.07 16.97
CA ILE B 150 21.00 -2.57 16.89
C ILE B 150 22.34 -3.05 16.31
N TYR B 151 23.19 -2.20 15.72
CA TYR B 151 24.39 -2.68 14.99
C TYR B 151 25.28 -3.48 15.93
N PRO B 152 25.49 -3.02 17.17
CA PRO B 152 26.20 -3.81 18.16
C PRO B 152 25.61 -5.22 18.24
N LEU B 153 24.28 -5.26 18.42
CA LEU B 153 23.45 -6.49 18.63
C LEU B 153 23.78 -7.50 17.54
N ILE B 154 23.65 -7.04 16.32
CA ILE B 154 23.89 -7.77 15.10
C ILE B 154 25.34 -7.98 14.75
N SER B 155 26.27 -7.11 15.10
CA SER B 155 27.62 -7.34 14.61
C SER B 155 28.43 -8.41 15.30
N LYS B 156 27.95 -9.01 16.36
CA LYS B 156 28.77 -10.08 16.91
C LYS B 156 28.35 -11.39 16.29
N ALA B 157 27.12 -11.81 16.58
CA ALA B 157 26.51 -13.06 16.08
C ALA B 157 25.02 -13.08 16.43
#